data_4AZZ
#
_entry.id   4AZZ
#
_cell.length_a   35.837
_cell.length_b   60.950
_cell.length_c   71.121
_cell.angle_alpha   90.00
_cell.angle_beta   100.89
_cell.angle_gamma   90.00
#
_symmetry.space_group_name_H-M   'P 1 21 1'
#
loop_
_entity.id
_entity.type
_entity.pdbx_description
1 polymer LEVANASE
2 water water
#
_entity_poly.entity_id   1
_entity_poly.type   'polypeptide(L)'
_entity_poly.pdbx_seq_one_letter_code
;MTTPFMSNMTGWTTVNGTWADTIEGKQGRSDGDSFILSSASGSDFTYESDITIKDGNGRGAGALMFRSDKDAKNGYLANV
DAKHDLVKFFKFENGAASVIAEYKTPIDVNKKYHLKTEAEGDRFKIYLDDRLVIDAHDSVFSEGQFGLNVWDATAVFQNV
TKESLEHHHHHH
;
_entity_poly.pdbx_strand_id   A,B
#
# COMPACT_ATOMS: atom_id res chain seq x y z
N THR A 3 -5.70 -2.21 -3.00
CA THR A 3 -5.11 -1.16 -2.11
C THR A 3 -5.81 0.19 -2.26
N PRO A 4 -5.62 1.09 -1.29
CA PRO A 4 -6.27 2.40 -1.40
C PRO A 4 -5.78 3.27 -2.61
N PHE A 5 -4.61 2.98 -3.15
CA PHE A 5 -4.09 3.72 -4.32
C PHE A 5 -4.66 3.13 -5.60
N MET A 6 -5.45 3.91 -6.32
CA MET A 6 -6.01 3.43 -7.58
CA MET A 6 -6.06 3.49 -7.59
C MET A 6 -5.14 3.85 -8.77
N SER A 7 -4.64 2.86 -9.51
CA SER A 7 -3.78 3.06 -10.68
C SER A 7 -3.88 1.86 -11.61
N ASN A 8 -3.66 2.07 -12.90
CA ASN A 8 -3.59 0.92 -13.80
C ASN A 8 -2.17 0.44 -14.11
N MET A 9 -1.23 0.84 -13.25
CA MET A 9 0.20 0.55 -13.39
C MET A 9 0.72 -0.10 -12.10
N THR A 10 1.67 -1.01 -12.22
CA THR A 10 2.21 -1.66 -11.02
C THR A 10 3.70 -1.48 -10.87
N GLY A 11 4.25 -2.19 -9.87
CA GLY A 11 5.65 -2.16 -9.59
C GLY A 11 6.15 -0.81 -9.09
N TRP A 12 5.34 -0.12 -8.30
CA TRP A 12 5.76 1.20 -7.77
C TRP A 12 6.85 1.03 -6.76
N THR A 13 8.01 1.64 -7.02
CA THR A 13 9.18 1.44 -6.20
C THR A 13 9.81 2.78 -5.91
N THR A 14 9.92 3.09 -4.63
CA THR A 14 10.57 4.33 -4.22
C THR A 14 11.99 4.50 -4.74
N VAL A 15 12.31 5.72 -5.18
CA VAL A 15 13.70 6.07 -5.56
C VAL A 15 14.31 6.74 -4.35
N ASN A 16 13.61 7.75 -3.82
CA ASN A 16 14.01 8.43 -2.56
C ASN A 16 12.77 9.08 -1.95
N GLY A 17 12.87 9.55 -0.71
CA GLY A 17 11.71 10.16 -0.07
C GLY A 17 10.86 9.15 0.68
N THR A 18 9.70 9.61 1.11
CA THR A 18 8.79 8.76 1.86
C THR A 18 7.49 8.66 1.13
N TRP A 19 7.17 7.47 0.59
CA TRP A 19 5.93 7.26 -0.13
C TRP A 19 5.12 6.23 0.59
N ALA A 20 3.85 6.50 0.80
CA ALA A 20 2.95 5.58 1.52
C ALA A 20 1.55 5.70 0.97
N ASP A 21 0.85 4.57 0.86
CA ASP A 21 -0.53 4.62 0.44
C ASP A 21 -1.39 5.07 1.59
N THR A 22 -2.28 6.02 1.34
CA THR A 22 -3.22 6.48 2.35
C THR A 22 -4.64 6.31 1.82
N ILE A 23 -5.60 6.62 2.66
CA ILE A 23 -6.99 6.69 2.25
C ILE A 23 -7.18 7.51 0.95
N GLU A 24 -6.34 8.52 0.73
CA GLU A 24 -6.57 9.48 -0.35
C GLU A 24 -5.78 9.14 -1.63
N GLY A 25 -5.01 8.07 -1.57
CA GLY A 25 -4.13 7.70 -2.66
C GLY A 25 -2.72 7.45 -2.20
N LYS A 26 -1.77 7.64 -3.11
CA LYS A 26 -0.37 7.47 -2.75
C LYS A 26 0.20 8.83 -2.40
N GLN A 27 0.74 8.92 -1.18
CA GLN A 27 1.28 10.18 -0.64
C GLN A 27 2.79 10.16 -0.70
N GLY A 28 3.37 11.23 -1.25
CA GLY A 28 4.79 11.48 -1.16
C GLY A 28 5.05 12.70 -0.28
N ARG A 29 6.19 12.71 0.40
CA ARG A 29 6.56 13.80 1.27
CA ARG A 29 6.56 13.82 1.26
C ARG A 29 8.09 13.98 1.28
N SER A 30 8.56 15.21 1.00
CA SER A 30 9.99 15.47 1.03
C SER A 30 10.26 16.94 1.05
N ASP A 31 11.36 17.25 1.74
CA ASP A 31 12.03 18.49 1.55
C ASP A 31 13.01 18.18 0.39
N GLY A 32 13.05 19.08 -0.54
CA GLY A 32 13.71 18.80 -1.78
C GLY A 32 12.85 17.91 -2.65
N ASP A 33 13.47 17.34 -3.68
CA ASP A 33 12.78 16.46 -4.64
C ASP A 33 12.79 15.00 -4.19
N SER A 34 11.71 14.27 -4.45
CA SER A 34 11.67 12.83 -4.21
C SER A 34 10.87 12.20 -5.33
N PHE A 35 11.13 10.91 -5.56
CA PHE A 35 10.63 10.23 -6.73
C PHE A 35 10.19 8.83 -6.38
N ILE A 36 9.13 8.41 -7.05
CA ILE A 36 8.80 7.01 -7.09
C ILE A 36 8.55 6.59 -8.53
N LEU A 37 9.02 5.42 -8.94
CA LEU A 37 8.85 5.00 -10.34
C LEU A 37 8.03 3.75 -10.45
N SER A 38 7.16 3.69 -11.45
CA SER A 38 6.49 2.44 -11.77
C SER A 38 7.40 1.61 -12.66
N SER A 39 7.18 0.30 -12.73
CA SER A 39 7.97 -0.57 -13.61
CA SER A 39 8.01 -0.53 -13.60
C SER A 39 7.57 -0.39 -15.07
N ALA A 40 6.42 0.22 -15.26
CA ALA A 40 5.84 0.46 -16.56
C ALA A 40 6.64 1.52 -17.35
N SER A 41 6.80 1.26 -18.65
CA SER A 41 7.46 2.19 -19.55
CA SER A 41 7.48 2.16 -19.56
C SER A 41 6.49 2.63 -20.64
N GLY A 42 6.85 3.70 -21.34
CA GLY A 42 6.01 4.13 -22.46
C GLY A 42 6.81 5.00 -23.39
N SER A 43 6.33 5.12 -24.64
CA SER A 43 6.92 6.03 -25.63
CA SER A 43 6.93 6.07 -25.60
C SER A 43 5.92 7.16 -25.87
N ASP A 44 4.85 6.83 -26.57
CA ASP A 44 3.74 7.76 -26.78
C ASP A 44 2.57 7.28 -25.93
N PHE A 45 1.91 8.23 -25.27
CA PHE A 45 0.92 7.85 -24.26
C PHE A 45 0.13 9.08 -23.80
N THR A 46 -0.95 8.77 -23.10
CA THR A 46 -1.58 9.67 -22.13
C THR A 46 -1.20 9.21 -20.74
N TYR A 47 -1.03 10.16 -19.83
CA TYR A 47 -0.65 9.85 -18.45
C TYR A 47 -1.26 10.91 -17.56
N GLU A 48 -1.95 10.48 -16.50
CA GLU A 48 -2.72 11.47 -15.73
C GLU A 48 -2.95 11.03 -14.30
N SER A 49 -3.25 12.02 -13.46
CA SER A 49 -3.49 11.79 -12.04
C SER A 49 -4.32 12.90 -11.47
N ASP A 50 -5.06 12.59 -10.40
CA ASP A 50 -5.49 13.64 -9.49
C ASP A 50 -4.30 13.92 -8.57
N ILE A 51 -4.05 15.21 -8.34
CA ILE A 51 -2.95 15.64 -7.47
C ILE A 51 -3.48 16.65 -6.47
N THR A 52 -3.20 16.41 -5.19
CA THR A 52 -3.60 17.38 -4.16
C THR A 52 -2.36 17.70 -3.32
N ILE A 53 -2.02 18.98 -3.21
CA ILE A 53 -0.93 19.43 -2.34
CA ILE A 53 -0.94 19.36 -2.33
C ILE A 53 -1.50 19.61 -0.93
N LYS A 54 -0.91 18.96 0.06
CA LYS A 54 -1.44 18.95 1.42
CA LYS A 54 -1.47 18.99 1.40
C LYS A 54 -0.73 20.02 2.24
N ASP A 55 -1.12 20.15 3.50
CA ASP A 55 -0.33 20.98 4.40
C ASP A 55 1.04 20.31 4.64
N GLY A 56 2.03 21.09 5.03
CA GLY A 56 3.30 20.54 5.46
C GLY A 56 4.44 20.85 4.53
N ASN A 57 5.67 20.65 5.01
CA ASN A 57 6.84 21.03 4.25
C ASN A 57 6.66 22.46 3.75
N GLY A 58 6.94 22.68 2.49
CA GLY A 58 6.92 24.00 1.93
C GLY A 58 5.71 24.28 1.07
N ARG A 59 4.74 23.35 1.05
CA ARG A 59 3.53 23.46 0.23
C ARG A 59 3.99 23.78 -1.21
N GLY A 60 4.88 22.94 -1.69
CA GLY A 60 5.56 23.07 -2.98
C GLY A 60 4.77 22.41 -4.09
N ALA A 61 5.32 21.34 -4.67
CA ALA A 61 4.77 20.80 -5.94
C ALA A 61 4.58 19.32 -5.91
N GLY A 62 3.66 18.84 -6.75
CA GLY A 62 3.45 17.40 -6.98
C GLY A 62 3.50 17.24 -8.48
N ALA A 63 4.11 16.15 -8.95
CA ALA A 63 4.37 16.02 -10.40
C ALA A 63 4.15 14.63 -10.97
N LEU A 64 3.81 14.63 -12.26
CA LEU A 64 3.88 13.40 -13.07
C LEU A 64 5.30 13.38 -13.63
N MET A 65 5.94 12.21 -13.61
CA MET A 65 7.26 12.08 -14.28
C MET A 65 7.11 11.02 -15.35
N PHE A 66 7.76 11.23 -16.48
CA PHE A 66 7.58 10.30 -17.58
C PHE A 66 8.74 10.25 -18.53
N ARG A 67 8.83 9.20 -19.34
CA ARG A 67 10.02 8.93 -20.15
C ARG A 67 11.33 9.00 -19.32
N SER A 68 11.26 8.41 -18.14
CA SER A 68 12.32 8.51 -17.14
C SER A 68 13.33 7.35 -17.23
N ASP A 69 14.59 7.62 -16.90
CA ASP A 69 15.51 6.49 -16.67
C ASP A 69 15.26 5.86 -15.29
N LYS A 70 16.04 4.83 -14.96
CA LYS A 70 15.66 4.00 -13.84
C LYS A 70 15.90 4.67 -12.52
N ASP A 71 16.72 5.73 -12.48
CA ASP A 71 16.94 6.41 -11.19
CA ASP A 71 17.08 6.47 -11.28
C ASP A 71 16.37 7.82 -11.18
N ALA A 72 15.50 8.11 -12.15
CA ALA A 72 14.85 9.43 -12.19
C ALA A 72 15.80 10.62 -12.25
N LYS A 73 16.96 10.44 -12.87
CA LYS A 73 17.93 11.50 -13.07
CA LYS A 73 17.94 11.50 -13.08
CA LYS A 73 17.88 11.55 -13.06
C LYS A 73 17.80 12.08 -14.49
N ASN A 74 17.06 11.38 -15.35
CA ASN A 74 16.81 11.84 -16.69
C ASN A 74 15.38 11.58 -17.07
N GLY A 75 14.66 12.61 -17.51
CA GLY A 75 13.27 12.41 -17.96
C GLY A 75 12.49 13.71 -17.87
N TYR A 76 11.17 13.63 -18.07
CA TYR A 76 10.33 14.83 -18.10
C TYR A 76 9.42 14.85 -16.90
N LEU A 77 9.06 16.06 -16.43
CA LEU A 77 8.04 16.20 -15.40
C LEU A 77 7.02 17.26 -15.83
N ALA A 78 5.77 17.03 -15.44
CA ALA A 78 4.74 18.05 -15.50
C ALA A 78 4.19 18.19 -14.10
N ASN A 79 4.18 19.40 -13.54
CA ASN A 79 3.75 19.51 -12.15
C ASN A 79 2.67 20.53 -11.88
N VAL A 80 2.13 20.47 -10.68
CA VAL A 80 1.36 21.57 -10.10
C VAL A 80 2.14 22.07 -8.88
N ASP A 81 2.41 23.39 -8.85
CA ASP A 81 3.28 23.99 -7.85
C ASP A 81 2.44 25.08 -7.12
N ALA A 82 1.99 24.76 -5.92
CA ALA A 82 1.21 25.65 -5.09
C ALA A 82 2.01 26.88 -4.65
N LYS A 83 3.30 26.71 -4.37
CA LYS A 83 4.14 27.81 -3.88
CA LYS A 83 4.13 27.83 -3.88
C LYS A 83 4.28 28.91 -4.92
N HIS A 84 4.50 28.49 -6.16
CA HIS A 84 4.70 29.42 -7.26
C HIS A 84 3.52 29.59 -8.17
N ASP A 85 2.40 28.94 -7.89
CA ASP A 85 1.19 29.06 -8.75
C ASP A 85 1.54 28.82 -10.21
N LEU A 86 2.09 27.62 -10.48
CA LEU A 86 2.54 27.31 -11.85
C LEU A 86 2.14 25.88 -12.15
N VAL A 87 1.86 25.61 -13.42
CA VAL A 87 2.05 24.27 -13.99
C VAL A 87 3.37 24.36 -14.76
N LYS A 88 4.33 23.49 -14.43
CA LYS A 88 5.64 23.56 -15.06
CA LYS A 88 5.65 23.55 -15.06
C LYS A 88 5.90 22.29 -15.85
N PHE A 89 6.43 22.44 -17.07
CA PHE A 89 6.88 21.31 -17.84
C PHE A 89 8.39 21.43 -17.90
N PHE A 90 9.10 20.44 -17.38
CA PHE A 90 10.57 20.56 -17.38
C PHE A 90 11.20 19.22 -17.54
N LYS A 91 12.53 19.24 -17.65
CA LYS A 91 13.28 17.99 -17.88
C LYS A 91 14.43 17.97 -16.87
N PHE A 92 14.78 16.76 -16.43
CA PHE A 92 16.03 16.50 -15.72
C PHE A 92 16.97 15.89 -16.75
N GLU A 93 18.19 16.41 -16.80
CA GLU A 93 19.23 15.79 -17.56
C GLU A 93 20.41 15.68 -16.61
N ASN A 94 20.90 14.46 -16.42
CA ASN A 94 21.98 14.20 -15.46
C ASN A 94 21.71 14.85 -14.11
N GLY A 95 20.43 14.84 -13.68
CA GLY A 95 20.00 15.39 -12.40
C GLY A 95 19.80 16.88 -12.33
N ALA A 96 20.07 17.60 -13.43
CA ALA A 96 19.84 19.06 -13.44
C ALA A 96 18.54 19.37 -14.15
N ALA A 97 17.71 20.24 -13.55
CA ALA A 97 16.44 20.63 -14.17
C ALA A 97 16.57 21.81 -15.11
N SER A 98 15.82 21.75 -16.22
CA SER A 98 15.67 22.92 -17.09
CA SER A 98 15.71 22.86 -17.17
C SER A 98 14.22 22.99 -17.51
N VAL A 99 13.68 24.20 -17.43
CA VAL A 99 12.26 24.44 -17.75
C VAL A 99 12.04 24.53 -19.25
N ILE A 100 11.01 23.82 -19.71
CA ILE A 100 10.62 23.84 -21.12
C ILE A 100 9.52 24.84 -21.31
N ALA A 101 8.52 24.87 -20.40
CA ALA A 101 7.42 25.87 -20.51
C ALA A 101 6.71 25.86 -19.18
N GLU A 102 6.08 26.97 -18.84
CA GLU A 102 5.28 26.96 -17.63
C GLU A 102 4.10 27.89 -17.84
N TYR A 103 3.09 27.75 -17.01
CA TYR A 103 1.80 28.47 -17.16
C TYR A 103 1.39 28.94 -15.77
N LYS A 104 1.27 30.26 -15.57
CA LYS A 104 1.00 30.78 -14.24
CA LYS A 104 0.99 30.83 -14.26
C LYS A 104 -0.52 30.74 -13.99
N THR A 105 -0.92 30.08 -12.91
CA THR A 105 -2.32 29.87 -12.66
C THR A 105 -2.44 29.51 -11.18
N PRO A 106 -3.52 29.93 -10.51
CA PRO A 106 -3.59 29.67 -9.05
C PRO A 106 -3.58 28.16 -8.73
N ILE A 107 -2.60 27.73 -7.94
CA ILE A 107 -2.63 26.38 -7.41
C ILE A 107 -2.68 26.49 -5.87
N ASP A 108 -3.77 26.00 -5.29
CA ASP A 108 -3.98 26.18 -3.86
C ASP A 108 -3.80 24.84 -3.17
N VAL A 109 -3.36 24.87 -1.92
CA VAL A 109 -3.28 23.64 -1.11
CA VAL A 109 -3.28 23.64 -1.11
C VAL A 109 -4.69 23.09 -0.79
N ASN A 110 -4.81 21.76 -0.70
CA ASN A 110 -6.03 21.07 -0.30
C ASN A 110 -7.14 21.18 -1.32
N LYS A 111 -6.79 21.51 -2.57
CA LYS A 111 -7.69 21.47 -3.71
C LYS A 111 -7.21 20.36 -4.65
N LYS A 112 -8.12 19.50 -5.08
CA LYS A 112 -7.79 18.44 -5.97
C LYS A 112 -7.66 19.02 -7.35
N TYR A 113 -6.52 18.77 -7.99
CA TYR A 113 -6.35 19.13 -9.38
C TYR A 113 -6.27 17.85 -10.20
N HIS A 114 -6.70 17.89 -11.47
CA HIS A 114 -6.42 16.79 -12.36
C HIS A 114 -5.37 17.25 -13.36
N LEU A 115 -4.28 16.49 -13.49
CA LEU A 115 -3.24 16.86 -14.45
C LEU A 115 -3.06 15.70 -15.42
N LYS A 116 -3.03 16.03 -16.70
CA LYS A 116 -2.89 15.04 -17.77
C LYS A 116 -1.84 15.47 -18.78
N THR A 117 -0.97 14.55 -19.20
CA THR A 117 -0.01 14.81 -20.26
CA THR A 117 -0.08 14.86 -20.30
C THR A 117 -0.35 13.88 -21.42
N GLU A 118 -0.35 14.45 -22.64
CA GLU A 118 -0.37 13.66 -23.87
CA GLU A 118 -0.33 13.63 -23.84
C GLU A 118 1.03 13.80 -24.53
N ALA A 119 1.79 12.71 -24.59
CA ALA A 119 3.14 12.74 -25.15
C ALA A 119 3.07 11.96 -26.44
N GLU A 120 3.31 12.63 -27.57
CA GLU A 120 3.27 11.96 -28.88
CA GLU A 120 3.29 11.95 -28.86
C GLU A 120 4.47 12.43 -29.65
N GLY A 121 5.45 11.53 -29.95
CA GLY A 121 6.65 12.06 -30.62
C GLY A 121 7.37 13.04 -29.68
N ASP A 122 7.74 14.21 -30.21
CA ASP A 122 8.38 15.24 -29.41
C ASP A 122 7.39 16.31 -29.02
N ARG A 123 6.09 16.02 -29.06
CA ARG A 123 5.08 17.02 -28.69
CA ARG A 123 5.06 17.01 -28.71
C ARG A 123 4.42 16.65 -27.36
N PHE A 124 4.27 17.64 -26.48
CA PHE A 124 3.66 17.35 -25.15
C PHE A 124 2.51 18.32 -24.93
N LYS A 125 1.34 17.78 -24.69
CA LYS A 125 0.21 18.60 -24.33
C LYS A 125 -0.15 18.33 -22.88
N ILE A 126 -0.27 19.37 -22.05
CA ILE A 126 -0.52 19.22 -20.64
C ILE A 126 -1.78 19.97 -20.32
N TYR A 127 -2.68 19.24 -19.66
CA TYR A 127 -4.01 19.74 -19.30
C TYR A 127 -4.17 19.80 -17.81
N LEU A 128 -4.69 20.94 -17.30
CA LEU A 128 -5.02 21.09 -15.88
C LEU A 128 -6.55 21.21 -15.81
N ASP A 129 -7.17 20.29 -15.06
CA ASP A 129 -8.64 20.22 -14.92
C ASP A 129 -9.25 20.19 -16.32
N ASP A 130 -8.58 19.47 -17.22
CA ASP A 130 -8.99 19.29 -18.61
C ASP A 130 -8.88 20.53 -19.53
N ARG A 131 -8.20 21.59 -19.05
CA ARG A 131 -7.91 22.75 -19.89
CA ARG A 131 -7.95 22.75 -19.87
C ARG A 131 -6.49 22.65 -20.35
N LEU A 132 -6.27 22.76 -21.66
CA LEU A 132 -4.89 22.71 -22.22
C LEU A 132 -4.15 23.95 -21.77
N VAL A 133 -3.02 23.78 -21.05
CA VAL A 133 -2.28 24.92 -20.51
C VAL A 133 -0.90 25.00 -21.11
N ILE A 134 -0.34 23.85 -21.50
CA ILE A 134 0.95 23.87 -22.26
C ILE A 134 0.86 22.92 -23.47
N ASP A 135 1.43 23.37 -24.60
CA ASP A 135 1.54 22.52 -25.77
C ASP A 135 2.90 22.88 -26.35
N ALA A 136 3.89 22.04 -26.06
CA ALA A 136 5.28 22.37 -26.34
C ALA A 136 6.04 21.15 -26.80
N HIS A 137 7.18 21.42 -27.41
CA HIS A 137 8.04 20.37 -27.98
C HIS A 137 9.37 20.26 -27.29
N ASP A 138 9.89 19.03 -27.19
CA ASP A 138 11.25 18.79 -26.72
C ASP A 138 11.68 17.45 -27.27
N SER A 139 12.91 17.34 -27.76
CA SER A 139 13.30 16.08 -28.37
C SER A 139 14.34 15.24 -27.62
N VAL A 140 14.65 15.60 -26.38
CA VAL A 140 15.66 14.91 -25.66
C VAL A 140 15.37 13.44 -25.34
N PHE A 141 14.18 13.12 -24.84
CA PHE A 141 13.89 11.73 -24.43
C PHE A 141 12.69 11.23 -25.19
N SER A 142 12.78 10.01 -25.70
CA SER A 142 11.67 9.41 -26.47
CA SER A 142 11.66 9.41 -26.49
C SER A 142 10.86 8.35 -25.74
N GLU A 143 11.46 7.72 -24.73
CA GLU A 143 10.74 6.64 -24.02
C GLU A 143 11.34 6.45 -22.66
N GLY A 144 10.57 5.85 -21.77
CA GLY A 144 11.15 5.48 -20.47
C GLY A 144 10.07 5.19 -19.47
N GLN A 145 10.41 5.15 -18.19
CA GLN A 145 9.45 4.78 -17.17
C GLN A 145 8.52 5.92 -16.75
N PHE A 146 7.37 5.54 -16.20
CA PHE A 146 6.43 6.47 -15.54
C PHE A 146 6.74 6.59 -14.05
N GLY A 147 6.48 7.76 -13.47
CA GLY A 147 6.63 7.86 -11.99
C GLY A 147 5.94 9.11 -11.45
N LEU A 148 6.22 9.44 -10.19
CA LEU A 148 5.61 10.61 -9.55
C LEU A 148 6.71 11.28 -8.77
N ASN A 149 6.56 12.57 -8.49
CA ASN A 149 7.57 13.28 -7.72
C ASN A 149 6.85 14.27 -6.83
N VAL A 150 7.50 14.61 -5.72
CA VAL A 150 7.07 15.81 -4.99
CA VAL A 150 7.06 15.68 -4.86
C VAL A 150 8.31 16.57 -4.66
N TRP A 151 8.09 17.87 -4.51
CA TRP A 151 9.15 18.87 -4.27
C TRP A 151 8.71 19.77 -3.14
N ASP A 152 9.44 19.73 -2.01
CA ASP A 152 9.18 20.63 -0.88
CA ASP A 152 9.19 20.60 -0.85
C ASP A 152 7.70 20.55 -0.51
N ALA A 153 7.18 19.33 -0.43
CA ALA A 153 5.75 19.20 -0.22
C ALA A 153 5.36 17.84 0.33
N THR A 154 4.14 17.79 0.88
CA THR A 154 3.41 16.53 1.02
C THR A 154 2.31 16.59 -0.04
N ALA A 155 2.24 15.58 -0.92
CA ALA A 155 1.14 15.57 -1.89
C ALA A 155 0.62 14.16 -2.08
N VAL A 156 -0.63 14.07 -2.49
CA VAL A 156 -1.22 12.76 -2.70
CA VAL A 156 -1.34 12.80 -2.68
C VAL A 156 -1.79 12.64 -4.11
N PHE A 157 -1.55 11.45 -4.67
CA PHE A 157 -1.82 11.16 -6.09
C PHE A 157 -2.86 10.04 -6.09
N GLN A 158 -3.88 10.18 -6.93
CA GLN A 158 -4.96 9.20 -7.00
C GLN A 158 -5.43 9.07 -8.43
N ASN A 159 -5.84 7.85 -8.77
CA ASN A 159 -6.34 7.56 -10.12
C ASN A 159 -5.20 7.82 -11.14
N VAL A 160 -4.06 7.21 -10.89
CA VAL A 160 -2.85 7.41 -11.72
C VAL A 160 -2.96 6.40 -12.84
N THR A 161 -3.25 6.90 -14.03
CA THR A 161 -3.45 5.98 -15.15
C THR A 161 -2.66 6.40 -16.39
N LYS A 162 -2.22 5.39 -17.14
CA LYS A 162 -1.63 5.64 -18.46
C LYS A 162 -2.32 4.80 -19.52
N GLU A 163 -2.27 5.34 -20.74
CA GLU A 163 -2.72 4.58 -21.93
C GLU A 163 -1.69 4.78 -23.03
N SER A 164 -1.16 3.67 -23.58
CA SER A 164 -0.25 3.77 -24.70
CA SER A 164 -0.24 3.80 -24.69
C SER A 164 -0.99 4.23 -25.93
N LEU A 165 -0.30 5.00 -26.75
CA LEU A 165 -0.83 5.49 -28.04
C LEU A 165 -0.05 4.99 -29.25
N GLU A 166 -0.74 4.78 -30.37
CA GLU A 166 -0.04 4.41 -31.59
CA GLU A 166 -0.08 4.43 -31.63
C GLU A 166 0.88 5.52 -32.11
N HIS A 167 1.97 5.13 -32.78
CA HIS A 167 2.94 6.07 -33.34
C HIS A 167 2.52 6.59 -34.68
N THR B 3 13.27 -20.85 19.35
CA THR B 3 12.81 -21.88 20.32
C THR B 3 12.03 -21.30 21.49
N PRO B 4 12.13 -19.98 21.75
CA PRO B 4 11.17 -19.49 22.73
C PRO B 4 9.73 -19.49 22.14
N PHE B 5 9.61 -19.47 20.81
CA PHE B 5 8.26 -19.55 20.15
C PHE B 5 7.77 -20.99 20.11
N MET B 6 6.60 -21.22 20.69
CA MET B 6 6.02 -22.54 20.76
CA MET B 6 6.03 -22.55 20.76
C MET B 6 4.92 -22.67 19.71
N SER B 7 5.09 -23.58 18.74
CA SER B 7 4.08 -23.81 17.71
C SER B 7 4.22 -25.27 17.30
N ASN B 8 3.18 -25.84 16.69
CA ASN B 8 3.32 -27.16 16.11
C ASN B 8 3.46 -27.09 14.59
N MET B 9 3.77 -25.88 14.11
CA MET B 9 3.96 -25.63 12.71
CA MET B 9 3.98 -25.62 12.70
C MET B 9 5.37 -25.05 12.49
N THR B 10 5.94 -25.34 11.32
CA THR B 10 7.26 -24.79 11.03
C THR B 10 7.30 -23.91 9.82
N GLY B 11 8.50 -23.50 9.44
CA GLY B 11 8.63 -22.85 8.16
C GLY B 11 8.16 -21.40 8.19
N TRP B 12 8.22 -20.78 9.36
CA TRP B 12 7.70 -19.40 9.50
C TRP B 12 8.54 -18.39 8.76
N THR B 13 7.96 -17.72 7.78
CA THR B 13 8.71 -16.85 6.88
C THR B 13 8.00 -15.51 6.75
N THR B 14 8.72 -14.43 7.06
CA THR B 14 8.16 -13.07 6.96
C THR B 14 7.74 -12.73 5.57
N VAL B 15 6.53 -12.19 5.42
CA VAL B 15 6.10 -11.58 4.16
C VAL B 15 6.57 -10.11 4.22
N ASN B 16 6.15 -9.36 5.24
CA ASN B 16 6.64 -7.98 5.48
C ASN B 16 6.59 -7.66 6.98
N GLY B 17 6.88 -6.42 7.40
CA GLY B 17 6.97 -6.12 8.84
C GLY B 17 8.22 -6.61 9.53
N THR B 18 8.20 -6.59 10.85
CA THR B 18 9.34 -6.97 11.71
C THR B 18 8.82 -8.07 12.56
N TRP B 19 9.35 -9.28 12.38
CA TRP B 19 8.92 -10.44 13.18
C TRP B 19 10.14 -11.02 13.82
N ALA B 20 10.07 -11.29 15.11
CA ALA B 20 11.21 -11.81 15.85
C ALA B 20 10.76 -12.40 17.17
N ASP B 21 11.45 -13.42 17.67
CA ASP B 21 11.03 -14.01 18.92
C ASP B 21 11.42 -13.18 20.14
N THR B 22 10.58 -13.26 21.16
CA THR B 22 10.92 -12.74 22.48
C THR B 22 10.68 -13.90 23.42
N ILE B 23 10.95 -13.67 24.70
CA ILE B 23 10.70 -14.71 25.70
CA ILE B 23 10.70 -14.68 25.72
C ILE B 23 9.20 -15.06 25.76
N GLU B 24 8.35 -14.20 25.17
CA GLU B 24 6.91 -14.37 25.25
C GLU B 24 6.30 -15.04 24.04
N GLY B 25 7.11 -15.27 23.01
CA GLY B 25 6.65 -15.89 21.78
C GLY B 25 7.20 -15.15 20.60
N LYS B 26 6.39 -15.07 19.54
CA LYS B 26 6.81 -14.45 18.31
C LYS B 26 6.11 -13.11 18.20
N GLN B 27 6.91 -12.05 18.21
CA GLN B 27 6.42 -10.67 18.06
C GLN B 27 6.41 -10.14 16.61
N GLY B 28 5.32 -9.46 16.25
CA GLY B 28 5.19 -8.77 14.98
C GLY B 28 5.03 -7.28 15.33
N ARG B 29 5.46 -6.40 14.42
CA ARG B 29 5.42 -4.96 14.66
CA ARG B 29 5.42 -4.94 14.65
C ARG B 29 5.37 -4.24 13.33
N SER B 30 4.33 -3.42 13.16
CA SER B 30 4.17 -2.67 11.92
C SER B 30 3.17 -1.54 12.13
N ASP B 31 3.37 -0.45 11.39
CA ASP B 31 2.36 0.64 11.36
C ASP B 31 1.07 0.35 10.56
N GLY B 32 1.16 -0.37 9.43
CA GLY B 32 0.00 -0.90 8.71
C GLY B 32 -0.10 -2.41 8.97
N ASP B 33 -0.63 -3.15 7.99
CA ASP B 33 -0.75 -4.59 8.10
C ASP B 33 0.59 -5.22 7.80
N SER B 34 0.95 -6.26 8.55
CA SER B 34 2.13 -7.03 8.13
C SER B 34 1.84 -8.48 8.40
N PHE B 35 2.63 -9.39 7.81
CA PHE B 35 2.21 -10.81 7.74
C PHE B 35 3.42 -11.72 7.85
N ILE B 36 3.23 -12.87 8.49
CA ILE B 36 4.26 -13.93 8.49
C ILE B 36 3.47 -15.21 8.20
N LEU B 37 4.03 -16.07 7.34
CA LEU B 37 3.31 -17.30 6.95
C LEU B 37 4.11 -18.52 7.30
N SER B 38 3.42 -19.53 7.83
CA SER B 38 4.02 -20.85 8.00
CA SER B 38 4.06 -20.83 7.98
C SER B 38 3.98 -21.57 6.64
N SER B 39 4.84 -22.57 6.48
CA SER B 39 4.79 -23.46 5.35
CA SER B 39 4.75 -23.43 5.32
C SER B 39 3.57 -24.39 5.39
N ALA B 40 2.96 -24.52 6.55
CA ALA B 40 1.81 -25.47 6.77
C ALA B 40 0.56 -24.97 6.03
N SER B 41 -0.17 -25.90 5.40
CA SER B 41 -1.44 -25.59 4.74
CA SER B 41 -1.44 -25.62 4.74
C SER B 41 -2.60 -26.34 5.43
N GLY B 42 -3.82 -25.87 5.16
CA GLY B 42 -4.99 -26.62 5.65
C GLY B 42 -6.24 -26.22 4.89
N SER B 43 -7.25 -27.04 5.04
CA SER B 43 -8.53 -26.81 4.41
C SER B 43 -9.54 -26.72 5.54
N ASP B 44 -9.82 -27.84 6.21
CA ASP B 44 -10.67 -27.81 7.42
C ASP B 44 -9.82 -28.06 8.64
N PHE B 45 -9.98 -27.26 9.68
CA PHE B 45 -9.03 -27.34 10.78
C PHE B 45 -9.54 -26.57 12.00
N THR B 46 -8.85 -26.75 13.12
CA THR B 46 -8.86 -25.74 14.19
CA THR B 46 -8.89 -25.71 14.15
C THR B 46 -7.52 -25.03 14.18
N TYR B 47 -7.48 -23.76 14.54
CA TYR B 47 -6.21 -23.05 14.54
C TYR B 47 -6.31 -22.05 15.65
N GLU B 48 -5.29 -21.95 16.49
CA GLU B 48 -5.44 -21.06 17.66
C GLU B 48 -4.12 -20.52 18.15
N SER B 49 -4.18 -19.44 18.93
CA SER B 49 -2.98 -18.83 19.48
C SER B 49 -3.33 -18.03 20.69
N ASP B 50 -2.36 -17.83 21.60
CA ASP B 50 -2.44 -16.68 22.55
C ASP B 50 -1.98 -15.44 21.82
N ILE B 51 -2.64 -14.31 22.09
CA ILE B 51 -2.30 -13.04 21.39
C ILE B 51 -2.30 -11.98 22.46
N THR B 52 -1.20 -11.26 22.57
CA THR B 52 -1.14 -10.12 23.49
C THR B 52 -0.77 -8.89 22.70
N ILE B 53 -1.58 -7.83 22.78
CA ILE B 53 -1.24 -6.57 22.13
CA ILE B 53 -1.20 -6.57 22.13
C ILE B 53 -0.36 -5.80 23.15
N LYS B 54 0.79 -5.30 22.69
CA LYS B 54 1.74 -4.61 23.58
C LYS B 54 1.61 -3.12 23.37
N ASP B 55 2.35 -2.37 24.18
CA ASP B 55 2.43 -0.95 23.97
CA ASP B 55 2.44 -0.93 23.97
C ASP B 55 3.23 -0.72 22.67
N GLY B 56 2.85 0.24 21.89
CA GLY B 56 3.60 0.48 20.66
C GLY B 56 2.73 0.74 19.47
N ASN B 57 3.28 1.46 18.49
CA ASN B 57 2.53 1.82 17.30
C ASN B 57 1.17 2.36 17.72
N GLY B 58 0.13 1.87 17.06
CA GLY B 58 -1.20 2.38 17.33
C GLY B 58 -1.96 1.50 18.28
N ARG B 59 -1.30 0.54 18.94
CA ARG B 59 -2.07 -0.40 19.82
C ARG B 59 -3.31 -0.94 19.09
N GLY B 60 -3.10 -1.40 17.86
CA GLY B 60 -4.13 -1.85 16.94
C GLY B 60 -4.49 -3.32 17.17
N ALA B 61 -4.09 -4.19 16.26
CA ALA B 61 -4.64 -5.58 16.25
C ALA B 61 -3.59 -6.67 16.00
N GLY B 62 -3.84 -7.88 16.53
CA GLY B 62 -3.04 -9.10 16.23
C GLY B 62 -4.02 -10.15 15.70
N ALA B 63 -3.63 -10.85 14.65
CA ALA B 63 -4.55 -11.77 13.92
C ALA B 63 -4.00 -13.14 13.61
N LEU B 64 -4.88 -14.13 13.68
CA LEU B 64 -4.66 -15.41 12.96
C LEU B 64 -4.94 -15.19 11.47
N MET B 65 -4.10 -15.75 10.58
CA MET B 65 -4.44 -15.73 9.17
C MET B 65 -4.51 -17.17 8.66
N PHE B 66 -5.43 -17.45 7.76
CA PHE B 66 -5.53 -18.86 7.38
C PHE B 66 -6.17 -19.01 6.02
N ARG B 67 -6.01 -20.19 5.44
CA ARG B 67 -6.38 -20.38 4.02
C ARG B 67 -5.83 -19.29 3.11
N SER B 68 -4.58 -18.95 3.35
CA SER B 68 -3.89 -17.86 2.65
CA SER B 68 -4.00 -17.86 2.58
C SER B 68 -3.17 -18.36 1.40
N ASP B 69 -3.01 -17.47 0.43
CA ASP B 69 -2.08 -17.74 -0.67
C ASP B 69 -0.64 -17.42 -0.23
N LYS B 70 0.33 -17.61 -1.16
CA LYS B 70 1.74 -17.61 -0.74
CA LYS B 70 1.77 -17.54 -0.91
C LYS B 70 2.30 -16.25 -0.31
N ASP B 71 1.63 -15.15 -0.63
CA ASP B 71 2.14 -13.86 -0.17
C ASP B 71 1.09 -13.07 0.61
N ALA B 72 0.12 -13.78 1.17
CA ALA B 72 -0.88 -13.17 2.07
C ALA B 72 -1.75 -12.09 1.40
N LYS B 73 -1.91 -12.19 0.08
CA LYS B 73 -2.79 -11.26 -0.61
C LYS B 73 -4.25 -11.72 -0.62
N ASN B 74 -4.47 -12.99 -0.33
CA ASN B 74 -5.82 -13.57 -0.37
C ASN B 74 -5.88 -14.54 0.80
N GLY B 75 -6.89 -14.46 1.65
CA GLY B 75 -6.93 -15.36 2.80
C GLY B 75 -7.93 -14.80 3.80
N TYR B 76 -8.13 -15.53 4.88
CA TYR B 76 -9.05 -15.10 5.94
C TYR B 76 -8.23 -14.71 7.16
N LEU B 77 -8.77 -13.80 7.97
CA LEU B 77 -8.13 -13.43 9.23
C LEU B 77 -9.19 -13.38 10.31
N ALA B 78 -8.78 -13.71 11.53
CA ALA B 78 -9.60 -13.46 12.71
C ALA B 78 -8.68 -12.75 13.69
N ASN B 79 -9.10 -11.59 14.22
CA ASN B 79 -8.16 -10.78 15.03
C ASN B 79 -8.74 -10.43 16.39
N VAL B 80 -7.87 -9.94 17.27
CA VAL B 80 -8.27 -9.11 18.41
C VAL B 80 -7.71 -7.70 18.19
N ASP B 81 -8.59 -6.71 18.35
CA ASP B 81 -8.25 -5.33 17.95
C ASP B 81 -8.44 -4.45 19.16
N ALA B 82 -7.33 -4.00 19.75
CA ALA B 82 -7.37 -3.23 21.03
C ALA B 82 -7.95 -1.84 20.81
N LYS B 83 -7.59 -1.27 19.67
CA LYS B 83 -8.00 0.10 19.41
C LYS B 83 -9.50 0.24 19.19
N HIS B 84 -10.11 -0.75 18.51
CA HIS B 84 -11.55 -0.74 18.20
C HIS B 84 -12.40 -1.62 19.08
N ASP B 85 -11.78 -2.32 20.02
CA ASP B 85 -12.51 -3.25 20.91
C ASP B 85 -13.40 -4.19 20.11
N LEU B 86 -12.74 -4.99 19.28
CA LEU B 86 -13.41 -5.84 18.27
CA LEU B 86 -13.50 -5.93 18.47
C LEU B 86 -12.71 -7.19 18.17
N VAL B 87 -13.46 -8.27 18.00
CA VAL B 87 -12.93 -9.48 17.37
C VAL B 87 -13.48 -9.41 15.96
N LYS B 88 -12.60 -9.37 14.97
CA LYS B 88 -13.05 -9.24 13.58
C LYS B 88 -12.74 -10.47 12.75
N PHE B 89 -13.70 -10.93 11.93
CA PHE B 89 -13.41 -12.03 10.96
C PHE B 89 -13.56 -11.39 9.60
N PHE B 90 -12.46 -11.43 8.82
CA PHE B 90 -12.45 -10.70 7.55
C PHE B 90 -11.62 -11.44 6.53
N LYS B 91 -11.61 -10.95 5.29
CA LYS B 91 -10.76 -11.58 4.28
C LYS B 91 -9.96 -10.51 3.55
N PHE B 92 -8.79 -10.90 3.01
CA PHE B 92 -8.21 -10.09 1.94
C PHE B 92 -8.54 -10.74 0.60
N GLU B 93 -9.00 -9.97 -0.37
CA GLU B 93 -9.05 -10.45 -1.75
C GLU B 93 -8.19 -9.50 -2.56
N ASN B 94 -7.15 -10.06 -3.18
CA ASN B 94 -6.12 -9.26 -3.87
CA ASN B 94 -6.11 -9.28 -3.85
C ASN B 94 -5.63 -8.05 -3.07
N GLY B 95 -5.26 -8.29 -1.81
CA GLY B 95 -4.69 -7.24 -0.98
C GLY B 95 -5.66 -6.20 -0.44
N ALA B 96 -6.96 -6.40 -0.67
CA ALA B 96 -7.99 -5.52 -0.07
C ALA B 96 -8.80 -6.22 1.01
N ALA B 97 -8.87 -5.62 2.19
CA ALA B 97 -9.65 -6.22 3.28
C ALA B 97 -11.13 -5.95 3.17
N SER B 98 -11.93 -6.93 3.52
CA SER B 98 -13.33 -6.67 3.77
C SER B 98 -13.88 -7.52 4.91
N VAL B 99 -14.73 -6.93 5.72
CA VAL B 99 -15.25 -7.59 6.90
C VAL B 99 -16.31 -8.66 6.57
N ILE B 100 -16.26 -9.79 7.29
CA ILE B 100 -17.33 -10.78 7.17
C ILE B 100 -18.25 -10.72 8.37
N ALA B 101 -17.66 -10.71 9.58
CA ALA B 101 -18.42 -10.58 10.82
C ALA B 101 -17.56 -9.92 11.85
N GLU B 102 -18.19 -9.28 12.82
CA GLU B 102 -17.40 -8.79 13.95
C GLU B 102 -18.17 -8.81 15.26
N TYR B 103 -17.44 -8.73 16.37
CA TYR B 103 -18.05 -8.90 17.70
C TYR B 103 -17.43 -7.85 18.59
N LYS B 104 -18.25 -6.91 19.06
CA LYS B 104 -17.73 -5.86 19.91
C LYS B 104 -17.49 -6.33 21.31
N THR B 105 -16.28 -6.14 21.81
CA THR B 105 -15.92 -6.66 23.13
C THR B 105 -14.64 -5.96 23.62
N PRO B 106 -14.47 -5.79 24.94
CA PRO B 106 -13.30 -4.99 25.36
C PRO B 106 -12.00 -5.75 25.09
N ILE B 107 -11.07 -5.14 24.37
CA ILE B 107 -9.79 -5.79 24.15
C ILE B 107 -8.75 -4.78 24.64
N ASP B 108 -8.00 -5.15 25.69
CA ASP B 108 -7.03 -4.24 26.32
C ASP B 108 -5.61 -4.64 25.89
N VAL B 109 -4.69 -3.65 25.95
CA VAL B 109 -3.27 -3.88 25.76
CA VAL B 109 -3.28 -3.94 25.75
C VAL B 109 -2.72 -4.65 26.98
N ASN B 110 -1.68 -5.45 26.76
CA ASN B 110 -1.00 -6.18 27.83
C ASN B 110 -1.87 -7.19 28.51
N LYS B 111 -2.92 -7.63 27.83
CA LYS B 111 -3.75 -8.69 28.39
C LYS B 111 -3.70 -9.85 27.42
N LYS B 112 -3.39 -11.06 27.92
CA LYS B 112 -3.25 -12.22 27.05
C LYS B 112 -4.67 -12.68 26.68
N TYR B 113 -4.95 -12.77 25.37
CA TYR B 113 -6.24 -13.36 24.91
C TYR B 113 -5.93 -14.71 24.25
N HIS B 114 -6.91 -15.59 24.21
CA HIS B 114 -6.78 -16.78 23.38
C HIS B 114 -7.80 -16.68 22.29
N LEU B 115 -7.35 -16.91 21.06
CA LEU B 115 -8.25 -16.83 19.91
C LEU B 115 -8.17 -18.14 19.12
N LYS B 116 -9.31 -18.75 18.86
CA LYS B 116 -9.31 -20.04 18.13
C LYS B 116 -10.33 -19.96 16.99
N THR B 117 -9.96 -20.45 15.80
CA THR B 117 -10.89 -20.46 14.68
C THR B 117 -11.09 -21.93 14.31
N GLU B 118 -12.34 -22.32 14.15
CA GLU B 118 -12.63 -23.64 13.56
C GLU B 118 -13.24 -23.39 12.19
N ALA B 119 -12.62 -23.97 11.16
CA ALA B 119 -13.01 -23.74 9.76
C ALA B 119 -13.43 -25.06 9.17
N GLU B 120 -14.70 -25.14 8.77
CA GLU B 120 -15.26 -26.41 8.28
C GLU B 120 -16.01 -26.08 7.02
N GLY B 121 -15.44 -26.38 5.87
CA GLY B 121 -16.02 -25.92 4.58
C GLY B 121 -16.22 -24.42 4.61
N ASP B 122 -17.45 -23.94 4.40
CA ASP B 122 -17.63 -22.51 4.34
C ASP B 122 -18.11 -21.89 5.67
N ARG B 123 -18.05 -22.67 6.75
CA ARG B 123 -18.51 -22.21 8.06
C ARG B 123 -17.32 -22.04 9.03
N PHE B 124 -17.33 -20.91 9.74
CA PHE B 124 -16.23 -20.56 10.62
C PHE B 124 -16.75 -20.23 11.98
N LYS B 125 -16.17 -20.86 13.02
CA LYS B 125 -16.59 -20.54 14.38
C LYS B 125 -15.36 -20.00 15.12
N ILE B 126 -15.49 -18.81 15.67
CA ILE B 126 -14.35 -18.13 16.31
CA ILE B 126 -14.36 -18.13 16.32
C ILE B 126 -14.65 -17.99 17.81
N TYR B 127 -13.66 -18.40 18.62
CA TYR B 127 -13.77 -18.43 20.06
C TYR B 127 -12.76 -17.48 20.62
N LEU B 128 -13.23 -16.63 21.54
CA LEU B 128 -12.37 -15.73 22.30
C LEU B 128 -12.33 -16.19 23.73
N ASP B 129 -11.13 -16.44 24.26
CA ASP B 129 -11.01 -17.01 25.63
C ASP B 129 -11.99 -18.17 25.86
N ASP B 130 -12.00 -19.08 24.90
CA ASP B 130 -12.77 -20.34 24.96
C ASP B 130 -14.26 -20.25 24.74
N ARG B 131 -14.80 -19.05 24.49
CA ARG B 131 -16.23 -18.88 24.30
C ARG B 131 -16.56 -18.45 22.91
N LEU B 132 -17.63 -19.02 22.35
CA LEU B 132 -17.95 -18.79 20.92
C LEU B 132 -18.43 -17.35 20.79
N VAL B 133 -17.79 -16.59 19.89
CA VAL B 133 -18.24 -15.21 19.68
C VAL B 133 -18.70 -14.87 18.25
N ILE B 134 -18.26 -15.67 17.26
CA ILE B 134 -18.63 -15.45 15.85
C ILE B 134 -18.93 -16.81 15.26
N ASP B 135 -20.07 -16.91 14.57
CA ASP B 135 -20.40 -18.11 13.80
C ASP B 135 -20.84 -17.56 12.44
N ALA B 136 -19.99 -17.71 11.44
CA ALA B 136 -20.22 -17.04 10.12
C ALA B 136 -19.95 -17.94 8.93
N HIS B 137 -20.42 -17.51 7.73
CA HIS B 137 -20.20 -18.27 6.49
CA HIS B 137 -20.19 -18.28 6.51
C HIS B 137 -19.56 -17.40 5.46
N ASP B 138 -18.61 -17.97 4.72
CA ASP B 138 -18.02 -17.30 3.55
C ASP B 138 -17.44 -18.43 2.68
N SER B 139 -17.60 -18.31 1.34
CA SER B 139 -17.30 -19.41 0.44
CA SER B 139 -17.31 -19.41 0.43
C SER B 139 -16.13 -19.13 -0.49
N VAL B 140 -15.44 -18.01 -0.26
CA VAL B 140 -14.36 -17.59 -1.18
C VAL B 140 -13.09 -18.45 -1.22
N PHE B 141 -12.52 -18.81 -0.06
CA PHE B 141 -11.28 -19.59 -0.02
C PHE B 141 -11.51 -20.91 0.70
N SER B 142 -10.99 -22.00 0.14
CA SER B 142 -11.21 -23.34 0.77
C SER B 142 -9.97 -23.92 1.40
N GLU B 143 -8.79 -23.44 1.02
CA GLU B 143 -7.56 -24.04 1.54
C GLU B 143 -6.41 -23.09 1.33
N GLY B 144 -5.38 -23.23 2.15
CA GLY B 144 -4.19 -22.41 2.00
C GLY B 144 -3.32 -22.43 3.21
N GLN B 145 -2.34 -21.51 3.25
CA GLN B 145 -1.40 -21.48 4.34
C GLN B 145 -1.94 -20.85 5.61
N PHE B 146 -1.33 -21.22 6.72
CA PHE B 146 -1.59 -20.57 8.01
C PHE B 146 -0.57 -19.47 8.20
N GLY B 147 -0.96 -18.41 8.90
CA GLY B 147 -0.01 -17.36 9.19
C GLY B 147 -0.49 -16.49 10.35
N LEU B 148 0.20 -15.36 10.55
CA LEU B 148 -0.16 -14.41 11.60
C LEU B 148 -0.07 -13.01 11.01
N ASN B 149 -0.74 -12.05 11.64
CA ASN B 149 -0.73 -10.68 11.12
C ASN B 149 -0.75 -9.74 12.30
N VAL B 150 -0.18 -8.56 12.11
CA VAL B 150 -0.49 -7.45 13.03
C VAL B 150 -0.87 -6.24 12.21
N TRP B 151 -1.66 -5.34 12.80
CA TRP B 151 -2.04 -4.12 12.09
C TRP B 151 -1.88 -2.99 13.09
N ASP B 152 -1.03 -2.04 12.77
CA ASP B 152 -0.76 -0.87 13.60
C ASP B 152 -0.53 -1.20 15.04
N ALA B 153 0.37 -2.16 15.31
CA ALA B 153 0.54 -2.69 16.64
C ALA B 153 1.87 -3.40 16.75
N THR B 154 2.29 -3.61 17.98
CA THR B 154 3.28 -4.63 18.30
C THR B 154 2.46 -5.69 19.03
N ALA B 155 2.56 -6.95 18.63
CA ALA B 155 1.73 -7.96 19.30
C ALA B 155 2.56 -9.21 19.39
N VAL B 156 2.29 -10.03 20.40
CA VAL B 156 3.05 -11.26 20.48
CA VAL B 156 3.06 -11.26 20.65
C VAL B 156 2.16 -12.49 20.54
N PHE B 157 2.61 -13.49 19.80
CA PHE B 157 1.81 -14.72 19.58
C PHE B 157 2.53 -15.90 20.20
N GLN B 158 1.79 -16.74 20.93
CA GLN B 158 2.43 -17.87 21.58
C GLN B 158 1.50 -19.07 21.57
N ASN B 159 2.09 -20.25 21.53
CA ASN B 159 1.29 -21.49 21.49
C ASN B 159 0.40 -21.49 20.21
N VAL B 160 1.01 -21.34 19.06
CA VAL B 160 0.27 -21.21 17.80
C VAL B 160 0.16 -22.64 17.27
N THR B 161 -1.05 -23.21 17.31
CA THR B 161 -1.18 -24.62 16.94
C THR B 161 -2.39 -24.82 16.03
N LYS B 162 -2.30 -25.77 15.09
CA LYS B 162 -3.42 -26.14 14.22
C LYS B 162 -3.64 -27.66 14.33
N GLU B 163 -4.85 -28.09 14.06
CA GLU B 163 -5.24 -29.50 13.96
C GLU B 163 -6.02 -29.63 12.67
N SER B 164 -5.64 -30.57 11.81
CA SER B 164 -6.44 -30.88 10.63
CA SER B 164 -6.48 -30.83 10.64
C SER B 164 -7.71 -31.62 11.02
N LEU B 165 -8.81 -31.35 10.33
CA LEU B 165 -10.06 -32.03 10.70
C LEU B 165 -10.61 -32.78 9.46
N GLU B 166 -11.48 -33.74 9.75
CA GLU B 166 -12.15 -34.51 8.69
C GLU B 166 -13.05 -33.63 7.83
N HIS B 167 -13.25 -34.05 6.59
CA HIS B 167 -14.11 -33.27 5.70
C HIS B 167 -15.56 -33.68 5.77
#